data_2X7M
#
_entry.id   2X7M
#
_cell.length_a   50.510
_cell.length_b   55.080
_cell.length_c   58.270
_cell.angle_alpha   90.00
_cell.angle_beta   90.00
_cell.angle_gamma   90.00
#
_symmetry.space_group_name_H-M   'P 21 21 21'
#
loop_
_entity.id
_entity.type
_entity.pdbx_description
1 polymer ARCHAEMETZINCIN
2 non-polymer 'ZINC ION'
3 water water
#
_entity_poly.entity_id   1
_entity_poly.type   'polypeptide(L)'
_entity_poly.pdbx_seq_one_letter_code
;MGSSHHHHHHSSGLVPRGSHMKLCLVAFDGRIPMLSSIVDRFEEHVSEYLGEVKVKKKRAKLPEHAYSKVRGQYLARALL
DTLRGMKGEYDRVLGLTSEDLYAPGLNFVFGQARCPGREAVVSVARLLDPDPELYLERVVKELTHELGHTFGLGHCPDRN
CVMSFSSSLLEVDRKSPNFCRRCTELLQRNLKRGG
;
_entity_poly.pdbx_strand_id   A
#
# COMPACT_ATOMS: atom_id res chain seq x y z
N LEU A 14 -11.46 26.61 -5.14
CA LEU A 14 -12.40 26.23 -6.25
C LEU A 14 -11.93 24.97 -6.96
N VAL A 15 -11.34 24.05 -6.23
CA VAL A 15 -10.83 22.83 -6.82
C VAL A 15 -12.01 22.06 -7.39
N PRO A 16 -11.89 21.57 -8.64
CA PRO A 16 -12.96 20.78 -9.23
C PRO A 16 -13.29 19.61 -8.32
N ARG A 17 -14.55 19.48 -7.93
CA ARG A 17 -14.97 18.43 -7.04
C ARG A 17 -14.48 17.10 -7.56
N GLY A 18 -13.86 16.32 -6.68
CA GLY A 18 -13.41 14.99 -7.04
C GLY A 18 -12.08 14.95 -7.75
N SER A 19 -11.41 16.09 -7.85
CA SER A 19 -10.12 16.11 -8.51
C SER A 19 -9.03 15.79 -7.51
N HIS A 20 -9.38 15.79 -6.23
CA HIS A 20 -8.39 15.49 -5.20
C HIS A 20 -8.79 14.16 -4.60
N MET A 21 -8.02 13.14 -4.90
CA MET A 21 -8.22 11.85 -4.27
C MET A 21 -7.85 11.98 -2.81
N LYS A 22 -8.75 11.52 -1.94
CA LYS A 22 -8.54 11.53 -0.51
C LYS A 22 -7.95 10.20 -0.09
N LEU A 23 -6.68 10.21 0.30
CA LEU A 23 -6.01 9.01 0.76
C LEU A 23 -5.79 9.14 2.24
N CYS A 24 -5.99 8.04 2.93
CA CYS A 24 -5.75 8.00 4.36
C CYS A 24 -4.64 7.01 4.52
N LEU A 25 -3.54 7.44 5.12
CA LEU A 25 -2.45 6.55 5.46
C LEU A 25 -2.54 6.26 6.93
N VAL A 26 -2.71 4.99 7.26
CA VAL A 26 -3.03 4.59 8.61
C VAL A 26 -1.90 3.79 9.19
N ALA A 27 -1.35 4.26 10.29
CA ALA A 27 -0.29 3.56 10.94
C ALA A 27 -0.89 2.67 11.98
N PHE A 28 -0.62 1.38 11.85
CA PHE A 28 -1.15 0.42 12.77
C PHE A 28 -0.34 0.29 14.02
N ASP A 29 0.84 0.88 14.02
CA ASP A 29 1.65 0.85 15.22
C ASP A 29 2.65 2.00 15.14
N GLY A 30 3.35 2.23 16.23
CA GLY A 30 4.27 3.34 16.30
C GLY A 30 5.71 2.94 16.03
N ARG A 31 5.92 1.79 15.43
CA ARG A 31 7.26 1.29 15.18
C ARG A 31 7.58 1.21 13.70
N ILE A 32 6.88 2.01 12.89
CA ILE A 32 7.17 2.09 11.48
C ILE A 32 8.27 3.10 11.25
N PRO A 33 9.45 2.64 10.83
CA PRO A 33 10.56 3.58 10.61
C PRO A 33 10.22 4.58 9.53
N MET A 34 10.58 5.83 9.78
CA MET A 34 10.43 6.88 8.80
C MET A 34 9.03 7.01 8.26
N LEU A 35 8.05 6.85 9.13
CA LEU A 35 6.67 6.97 8.71
C LEU A 35 6.40 8.25 7.95
N SER A 36 6.90 9.38 8.46
CA SER A 36 6.59 10.65 7.84
C SER A 36 7.17 10.72 6.43
N SER A 37 8.36 10.15 6.26
CA SER A 37 8.99 10.17 4.95
C SER A 37 8.24 9.25 4.03
N ILE A 38 7.78 8.13 4.54
CA ILE A 38 7.01 7.20 3.72
C ILE A 38 5.78 7.90 3.17
N VAL A 39 5.06 8.59 4.04
CA VAL A 39 3.81 9.19 3.64
C VAL A 39 4.09 10.31 2.66
N ASP A 40 5.10 11.13 2.95
CA ASP A 40 5.47 12.23 2.07
C ASP A 40 5.84 11.73 0.69
N ARG A 41 6.67 10.70 0.66
CA ARG A 41 7.14 10.19 -0.60
C ARG A 41 6.03 9.49 -1.35
N PHE A 42 5.23 8.72 -0.64
CA PHE A 42 4.16 8.01 -1.30
C PHE A 42 3.22 9.02 -1.90
N GLU A 43 2.88 10.05 -1.15
CA GLU A 43 1.96 11.09 -1.62
C GLU A 43 2.48 11.75 -2.90
N GLU A 44 3.76 12.08 -2.91
CA GLU A 44 4.36 12.73 -4.06
C GLU A 44 4.35 11.75 -5.21
N HIS A 45 4.69 10.51 -4.93
CA HIS A 45 4.86 9.54 -5.99
C HIS A 45 3.56 9.25 -6.69
N VAL A 46 2.50 9.01 -5.94
CA VAL A 46 1.29 8.53 -6.57
C VAL A 46 0.58 9.69 -7.23
N SER A 47 0.92 10.91 -6.88
CA SER A 47 0.30 12.07 -7.51
C SER A 47 0.54 12.09 -9.02
N GLU A 48 1.64 11.48 -9.47
CA GLU A 48 1.92 11.39 -10.89
C GLU A 48 0.76 10.69 -11.60
N TYR A 49 0.18 9.71 -10.93
CA TYR A 49 -0.87 8.88 -11.51
C TYR A 49 -2.26 9.35 -11.11
N LEU A 50 -2.41 9.86 -9.90
CA LEU A 50 -3.73 10.18 -9.35
C LEU A 50 -4.01 11.67 -9.36
N GLY A 51 -3.02 12.46 -9.73
CA GLY A 51 -3.09 13.90 -9.50
C GLY A 51 -2.69 14.23 -8.09
N GLU A 52 -2.65 15.52 -7.77
CA GLU A 52 -2.32 15.97 -6.43
C GLU A 52 -3.29 15.33 -5.44
N VAL A 53 -2.75 14.57 -4.51
CA VAL A 53 -3.57 13.84 -3.57
C VAL A 53 -3.53 14.49 -2.20
N LYS A 54 -4.68 14.47 -1.53
CA LYS A 54 -4.77 14.95 -0.17
C LYS A 54 -4.64 13.75 0.76
N VAL A 55 -3.49 13.64 1.41
CA VAL A 55 -3.23 12.56 2.35
C VAL A 55 -3.58 12.99 3.78
N LYS A 56 -4.10 12.05 4.54
CA LYS A 56 -4.38 12.26 5.95
C LYS A 56 -3.78 11.09 6.67
N LYS A 57 -3.11 11.36 7.77
CA LYS A 57 -2.47 10.32 8.54
C LYS A 57 -3.35 9.96 9.70
N LYS A 58 -3.51 8.66 9.91
CA LYS A 58 -4.32 8.16 11.02
C LYS A 58 -3.58 7.03 11.70
N ARG A 59 -4.09 6.64 12.86
CA ARG A 59 -3.68 5.42 13.54
C ARG A 59 -4.82 4.41 13.53
N ALA A 60 -4.47 3.14 13.60
CA ALA A 60 -5.45 2.11 13.85
C ALA A 60 -4.87 1.09 14.77
N LYS A 61 -5.75 0.37 15.44
CA LYS A 61 -5.33 -0.70 16.31
C LYS A 61 -5.23 -1.99 15.52
N LEU A 62 -4.14 -2.72 15.73
CA LEU A 62 -4.02 -4.03 15.14
C LEU A 62 -5.12 -4.93 15.68
N PRO A 63 -5.74 -5.70 14.79
CA PRO A 63 -6.78 -6.63 15.25
C PRO A 63 -6.13 -7.88 15.82
N GLU A 64 -6.16 -7.96 17.14
CA GLU A 64 -5.44 -9.02 17.82
C GLU A 64 -5.98 -10.40 17.49
N HIS A 65 -7.25 -10.47 17.11
CA HIS A 65 -7.85 -11.76 16.79
C HIS A 65 -7.16 -12.33 15.57
N ALA A 66 -6.59 -11.45 14.76
CA ALA A 66 -5.96 -11.86 13.52
C ALA A 66 -4.48 -12.13 13.70
N TYR A 67 -4.00 -12.01 14.92
CA TYR A 67 -2.62 -12.32 15.21
C TYR A 67 -2.47 -13.80 15.41
N SER A 68 -1.58 -14.36 14.62
CA SER A 68 -1.22 -15.75 14.77
C SER A 68 -0.03 -15.77 15.70
N LYS A 69 -0.21 -16.35 16.87
CA LYS A 69 0.86 -16.36 17.84
C LYS A 69 2.01 -17.23 17.35
N VAL A 70 1.69 -18.36 16.73
CA VAL A 70 2.75 -19.22 16.22
C VAL A 70 3.54 -18.50 15.14
N ARG A 71 2.84 -17.84 14.22
CA ARG A 71 3.51 -17.21 13.09
C ARG A 71 4.16 -15.89 13.46
N GLY A 72 3.67 -15.24 14.51
CA GLY A 72 4.10 -13.90 14.83
C GLY A 72 3.73 -12.95 13.71
N GLN A 73 2.57 -13.20 13.12
CA GLN A 73 2.07 -12.42 11.99
C GLN A 73 0.61 -12.16 12.12
N TYR A 74 0.16 -11.10 11.47
CA TYR A 74 -1.26 -10.83 11.39
C TYR A 74 -1.77 -11.18 10.02
N LEU A 75 -3.00 -11.64 9.97
CA LEU A 75 -3.68 -11.83 8.69
C LEU A 75 -3.92 -10.46 8.08
N ALA A 76 -3.32 -10.22 6.93
CA ALA A 76 -3.46 -8.92 6.29
C ALA A 76 -4.91 -8.55 6.05
N ARG A 77 -5.73 -9.51 5.68
CA ARG A 77 -7.12 -9.21 5.36
C ARG A 77 -7.80 -8.64 6.59
N ALA A 78 -7.42 -9.10 7.77
CA ALA A 78 -8.03 -8.57 8.98
C ALA A 78 -7.68 -7.12 9.18
N LEU A 79 -6.47 -6.73 8.80
CA LEU A 79 -6.11 -5.32 8.84
C LEU A 79 -6.94 -4.56 7.82
N LEU A 80 -7.17 -5.15 6.65
CA LEU A 80 -8.04 -4.50 5.71
C LEU A 80 -9.43 -4.30 6.30
N ASP A 81 -9.93 -5.31 7.01
CA ASP A 81 -11.22 -5.21 7.65
C ASP A 81 -11.18 -4.09 8.67
N THR A 82 -10.08 -4.00 9.40
CA THR A 82 -9.92 -2.91 10.36
C THR A 82 -9.97 -1.57 9.65
N LEU A 83 -9.25 -1.45 8.53
CA LEU A 83 -9.26 -0.20 7.80
C LEU A 83 -10.65 0.10 7.28
N ARG A 84 -11.35 -0.96 6.86
CA ARG A 84 -12.69 -0.84 6.31
C ARG A 84 -13.62 -0.26 7.35
N GLY A 85 -13.32 -0.53 8.62
CA GLY A 85 -14.19 -0.12 9.71
C GLY A 85 -13.89 1.27 10.21
N MET A 86 -12.98 1.96 9.54
CA MET A 86 -12.57 3.28 10.00
C MET A 86 -13.50 4.37 9.48
N LYS A 87 -13.80 5.31 10.37
CA LYS A 87 -14.60 6.48 10.05
C LYS A 87 -13.80 7.38 9.11
N GLY A 88 -14.52 8.22 8.38
CA GLY A 88 -13.89 9.15 7.46
C GLY A 88 -14.30 8.84 6.05
N GLU A 89 -14.35 9.87 5.21
CA GLU A 89 -14.62 9.67 3.80
C GLU A 89 -13.31 9.77 3.05
N TYR A 90 -12.84 8.62 2.60
CA TYR A 90 -11.59 8.54 1.91
C TYR A 90 -11.81 7.71 0.68
N ASP A 91 -11.12 8.05 -0.39
CA ASP A 91 -11.21 7.26 -1.60
C ASP A 91 -10.42 5.98 -1.41
N ARG A 92 -9.29 6.09 -0.71
CA ARG A 92 -8.48 4.94 -0.38
C ARG A 92 -7.97 5.08 1.05
N VAL A 93 -7.93 3.96 1.75
CA VAL A 93 -7.35 3.92 3.05
C VAL A 93 -6.26 2.89 2.96
N LEU A 94 -5.03 3.33 3.21
CA LEU A 94 -3.89 2.46 3.09
C LEU A 94 -3.22 2.38 4.43
N GLY A 95 -3.09 1.18 4.92
CA GLY A 95 -2.52 0.95 6.22
C GLY A 95 -1.06 0.63 6.07
N LEU A 96 -0.31 0.97 7.11
CA LEU A 96 1.06 0.58 7.23
C LEU A 96 1.21 -0.03 8.59
N THR A 97 2.00 -1.09 8.64
CA THR A 97 2.34 -1.68 9.91
C THR A 97 3.77 -2.13 9.88
N SER A 98 4.39 -2.22 11.07
CA SER A 98 5.69 -2.83 11.16
C SER A 98 5.56 -4.28 11.58
N GLU A 99 4.32 -4.73 11.75
CA GLU A 99 4.08 -6.12 12.07
C GLU A 99 4.05 -6.89 10.78
N ASP A 100 4.54 -8.11 10.84
CA ASP A 100 4.58 -8.96 9.69
C ASP A 100 3.18 -9.47 9.42
N LEU A 101 2.86 -9.58 8.14
CA LEU A 101 1.57 -9.97 7.69
C LEU A 101 1.64 -11.23 6.87
N TYR A 102 0.52 -11.94 6.85
CA TYR A 102 0.37 -13.03 5.90
C TYR A 102 -1.02 -13.07 5.37
N ALA A 103 -1.23 -14.01 4.46
CA ALA A 103 -2.55 -14.33 4.01
C ALA A 103 -2.58 -15.83 4.00
N PRO A 104 -3.79 -16.40 4.05
CA PRO A 104 -3.92 -17.85 4.16
C PRO A 104 -3.19 -18.54 3.03
N GLY A 105 -2.23 -19.37 3.37
CA GLY A 105 -1.53 -20.14 2.37
C GLY A 105 -0.31 -19.42 1.83
N LEU A 106 0.03 -18.27 2.42
CA LEU A 106 1.30 -17.63 2.10
C LEU A 106 2.16 -17.46 3.34
N ASN A 107 3.46 -17.60 3.16
CA ASN A 107 4.39 -17.46 4.27
C ASN A 107 4.32 -16.04 4.85
N PHE A 108 4.18 -15.08 3.96
CA PHE A 108 4.00 -13.70 4.35
C PHE A 108 3.48 -12.96 3.15
N VAL A 109 3.05 -11.74 3.39
CA VAL A 109 2.76 -10.83 2.31
C VAL A 109 3.36 -9.50 2.72
N PHE A 110 3.80 -8.74 1.74
CA PHE A 110 4.24 -7.38 2.01
C PHE A 110 3.06 -6.50 2.22
N GLY A 111 1.93 -6.93 1.69
CA GLY A 111 0.74 -6.13 1.78
C GLY A 111 -0.42 -6.87 1.14
N GLN A 112 -1.57 -6.25 1.21
CA GLN A 112 -2.72 -6.80 0.59
C GLN A 112 -3.66 -5.66 0.33
N ALA A 113 -4.53 -5.84 -0.64
CA ALA A 113 -5.47 -4.80 -0.99
C ALA A 113 -6.77 -5.45 -1.34
N ARG A 114 -7.86 -4.69 -1.16
CA ARG A 114 -9.12 -4.97 -1.84
C ARG A 114 -8.85 -4.75 -3.31
N CYS A 115 -9.23 -5.69 -4.14
CA CYS A 115 -9.00 -5.56 -5.57
C CYS A 115 -10.24 -5.80 -6.39
N PRO A 116 -10.91 -4.71 -6.80
CA PRO A 116 -10.67 -3.34 -6.40
C PRO A 116 -11.36 -3.08 -5.09
N GLY A 117 -11.10 -1.93 -4.51
CA GLY A 117 -11.72 -1.60 -3.24
C GLY A 117 -11.03 -0.41 -2.64
N ARG A 118 -11.32 -0.19 -1.37
CA ARG A 118 -10.99 1.07 -0.75
C ARG A 118 -9.75 0.94 0.09
N GLU A 119 -9.47 -0.28 0.56
CA GLU A 119 -8.44 -0.49 1.55
C GLU A 119 -7.27 -1.29 1.00
N ALA A 120 -6.10 -0.94 1.53
CA ALA A 120 -4.90 -1.68 1.29
C ALA A 120 -4.05 -1.58 2.52
N VAL A 121 -3.10 -2.47 2.63
CA VAL A 121 -2.22 -2.44 3.76
C VAL A 121 -0.89 -2.94 3.30
N VAL A 122 0.15 -2.33 3.84
CA VAL A 122 1.51 -2.74 3.60
C VAL A 122 2.20 -2.87 4.93
N SER A 123 3.02 -3.89 5.01
CA SER A 123 3.86 -4.05 6.16
C SER A 123 5.27 -3.70 5.78
N VAL A 124 5.94 -2.94 6.63
CA VAL A 124 7.34 -2.65 6.42
C VAL A 124 8.24 -3.69 7.03
N ALA A 125 7.67 -4.69 7.70
CA ALA A 125 8.46 -5.60 8.51
C ALA A 125 9.56 -6.25 7.72
N ARG A 126 9.26 -6.61 6.49
CA ARG A 126 10.22 -7.30 5.64
C ARG A 126 10.90 -6.36 4.67
N LEU A 127 10.50 -5.10 4.71
CA LEU A 127 11.09 -4.09 3.83
C LEU A 127 12.23 -3.32 4.48
N LEU A 128 12.37 -3.48 5.78
CA LEU A 128 13.39 -2.77 6.51
C LEU A 128 14.75 -2.94 5.86
N ASP A 129 15.45 -1.83 5.79
CA ASP A 129 16.83 -1.86 5.40
C ASP A 129 17.55 -0.74 6.11
N PRO A 130 18.85 -0.94 6.41
CA PRO A 130 19.65 0.14 7.00
C PRO A 130 19.73 1.37 6.09
N ASP A 131 19.64 1.14 4.78
CA ASP A 131 19.73 2.21 3.82
C ASP A 131 18.35 2.87 3.70
N PRO A 132 18.22 4.11 4.17
CA PRO A 132 16.90 4.73 4.26
C PRO A 132 16.29 4.91 2.90
N GLU A 133 17.10 5.22 1.91
CA GLU A 133 16.55 5.45 0.58
C GLU A 133 16.03 4.17 0.01
N LEU A 134 16.73 3.06 0.28
CA LEU A 134 16.29 1.77 -0.22
C LEU A 134 14.99 1.40 0.49
N TYR A 135 14.96 1.61 1.78
CA TYR A 135 13.80 1.30 2.58
C TYR A 135 12.62 2.10 2.09
N LEU A 136 12.78 3.39 1.93
CA LEU A 136 11.68 4.24 1.53
C LEU A 136 11.18 3.82 0.16
N GLU A 137 12.10 3.51 -0.76
CA GLU A 137 11.67 3.13 -2.08
C GLU A 137 10.84 1.87 -2.03
N ARG A 138 11.22 0.93 -1.17
CA ARG A 138 10.50 -0.31 -1.06
C ARG A 138 9.11 -0.08 -0.55
N VAL A 139 8.98 0.77 0.46
CA VAL A 139 7.69 0.99 1.05
C VAL A 139 6.83 1.74 0.06
N VAL A 140 7.38 2.73 -0.61
CA VAL A 140 6.64 3.41 -1.63
C VAL A 140 6.20 2.44 -2.73
N LYS A 141 7.09 1.55 -3.15
CA LYS A 141 6.73 0.56 -4.15
C LYS A 141 5.56 -0.29 -3.71
N GLU A 142 5.65 -0.85 -2.53
CA GLU A 142 4.58 -1.74 -2.13
C GLU A 142 3.28 -1.02 -1.84
N LEU A 143 3.37 0.19 -1.31
CA LEU A 143 2.15 0.96 -1.20
C LEU A 143 1.55 1.23 -2.55
N THR A 144 2.39 1.55 -3.54
CA THR A 144 1.91 1.87 -4.86
C THR A 144 1.34 0.61 -5.49
N HIS A 145 1.99 -0.52 -5.25
CA HIS A 145 1.53 -1.79 -5.76
C HIS A 145 0.14 -2.08 -5.22
N GLU A 146 -0.01 -1.99 -3.90
CA GLU A 146 -1.30 -2.29 -3.32
C GLU A 146 -2.31 -1.25 -3.74
N LEU A 147 -1.87 -0.02 -3.91
CA LEU A 147 -2.78 0.99 -4.36
C LEU A 147 -3.28 0.63 -5.75
N GLY A 148 -2.38 0.15 -6.61
CA GLY A 148 -2.78 -0.28 -7.94
C GLY A 148 -3.89 -1.30 -7.86
N HIS A 149 -3.76 -2.26 -6.95
CA HIS A 149 -4.78 -3.28 -6.81
C HIS A 149 -6.10 -2.68 -6.46
N THR A 150 -6.08 -1.67 -5.61
CA THR A 150 -7.34 -1.09 -5.17
C THR A 150 -8.05 -0.49 -6.36
N PHE A 151 -7.31 -0.17 -7.41
CA PHE A 151 -7.89 0.34 -8.65
C PHE A 151 -8.15 -0.76 -9.65
N GLY A 152 -8.16 -1.98 -9.16
CA GLY A 152 -8.52 -3.13 -9.96
C GLY A 152 -7.39 -3.70 -10.78
N LEU A 153 -6.22 -3.08 -10.71
CA LEU A 153 -5.08 -3.58 -11.44
C LEU A 153 -4.70 -4.92 -10.86
N GLY A 154 -4.45 -5.88 -11.72
CA GLY A 154 -3.94 -7.16 -11.31
C GLY A 154 -2.45 -7.14 -11.44
N HIS A 155 -1.85 -8.30 -11.33
CA HIS A 155 -0.41 -8.37 -11.44
C HIS A 155 0.06 -8.23 -12.87
N CYS A 156 1.15 -7.50 -13.02
CA CYS A 156 1.67 -7.14 -14.33
C CYS A 156 2.82 -8.06 -14.69
N PRO A 157 2.85 -8.56 -15.93
CA PRO A 157 3.92 -9.47 -16.37
C PRO A 157 5.26 -8.75 -16.46
N ASP A 158 5.21 -7.44 -16.67
CA ASP A 158 6.41 -6.62 -16.73
C ASP A 158 7.08 -6.57 -15.36
N ARG A 159 8.27 -7.17 -15.25
CA ARG A 159 8.94 -7.31 -13.97
C ARG A 159 9.51 -5.97 -13.49
N ASN A 160 9.50 -4.97 -14.37
CA ASN A 160 9.93 -3.62 -14.01
C ASN A 160 8.77 -2.75 -13.58
N CYS A 161 7.56 -3.26 -13.75
CA CYS A 161 6.38 -2.53 -13.37
C CYS A 161 6.12 -2.72 -11.88
N VAL A 162 5.67 -1.65 -11.24
CA VAL A 162 5.38 -1.71 -9.82
C VAL A 162 4.29 -2.72 -9.54
N MET A 163 3.49 -3.04 -10.55
CA MET A 163 2.39 -3.97 -10.37
C MET A 163 2.82 -5.41 -10.55
N SER A 164 4.10 -5.59 -10.88
CA SER A 164 4.72 -6.91 -10.85
C SER A 164 4.52 -7.48 -9.44
N PHE A 165 4.20 -8.76 -9.36
CA PHE A 165 4.01 -9.40 -8.07
C PHE A 165 5.35 -9.77 -7.46
N SER A 166 5.67 -9.17 -6.31
CA SER A 166 6.93 -9.46 -5.63
C SER A 166 6.67 -10.30 -4.38
N SER A 167 7.41 -11.39 -4.26
CA SER A 167 7.30 -12.21 -3.06
C SER A 167 8.64 -12.28 -2.36
N SER A 168 9.56 -11.40 -2.77
CA SER A 168 10.85 -11.29 -2.12
C SER A 168 11.37 -9.88 -2.30
N LEU A 169 12.38 -9.51 -1.52
CA LEU A 169 12.97 -8.19 -1.64
C LEU A 169 13.63 -8.05 -2.98
N LEU A 170 14.27 -9.11 -3.42
CA LEU A 170 14.93 -9.10 -4.71
C LEU A 170 13.95 -8.58 -5.74
N GLU A 171 12.70 -9.06 -5.66
CA GLU A 171 11.70 -8.74 -6.66
C GLU A 171 11.18 -7.33 -6.49
N VAL A 172 11.02 -6.91 -5.26
CA VAL A 172 10.63 -5.54 -4.96
C VAL A 172 11.70 -4.60 -5.51
N ASP A 173 12.95 -4.93 -5.24
CA ASP A 173 14.04 -4.02 -5.54
C ASP A 173 14.25 -3.93 -7.04
N ARG A 174 13.99 -5.02 -7.75
CA ARG A 174 14.19 -5.03 -9.19
C ARG A 174 13.17 -4.15 -9.89
N LYS A 175 11.92 -4.21 -9.44
CA LYS A 175 10.88 -3.49 -10.15
C LYS A 175 10.97 -2.01 -9.89
N SER A 176 10.39 -1.22 -10.79
CA SER A 176 10.37 0.21 -10.59
C SER A 176 9.19 0.51 -9.69
N PRO A 177 9.18 1.71 -9.11
CA PRO A 177 8.03 2.17 -8.35
C PRO A 177 6.94 2.68 -9.26
N ASN A 178 7.20 2.67 -10.57
CA ASN A 178 6.26 3.21 -11.52
C ASN A 178 5.40 2.17 -12.19
N PHE A 179 4.21 2.59 -12.61
CA PHE A 179 3.36 1.75 -13.41
C PHE A 179 3.90 1.76 -14.83
N CYS A 180 4.00 0.58 -15.43
CA CYS A 180 4.42 0.48 -16.84
C CYS A 180 3.39 1.16 -17.72
N ARG A 181 3.68 1.26 -19.02
CA ARG A 181 2.74 1.87 -19.96
C ARG A 181 1.35 1.25 -19.83
N ARG A 182 1.30 -0.07 -19.91
CA ARG A 182 0.02 -0.76 -19.85
C ARG A 182 -0.71 -0.43 -18.55
N CYS A 183 -0.02 -0.48 -17.42
CA CYS A 183 -0.76 -0.31 -16.17
C CYS A 183 -1.18 1.12 -15.98
N THR A 184 -0.37 2.05 -16.45
CA THR A 184 -0.71 3.45 -16.35
C THR A 184 -2.00 3.70 -17.12
N GLU A 185 -2.10 3.16 -18.33
CA GLU A 185 -3.30 3.25 -19.14
C GLU A 185 -4.50 2.59 -18.46
N LEU A 186 -4.30 1.39 -17.91
CA LEU A 186 -5.36 0.70 -17.18
C LEU A 186 -5.83 1.53 -16.01
N LEU A 187 -4.87 2.11 -15.30
CA LEU A 187 -5.16 2.83 -14.07
C LEU A 187 -5.92 4.12 -14.40
N GLN A 188 -5.48 4.81 -15.44
CA GLN A 188 -6.16 6.03 -15.87
C GLN A 188 -7.52 5.66 -16.43
N ARG A 189 -7.60 4.49 -17.05
CA ARG A 189 -8.85 4.01 -17.64
C ARG A 189 -9.86 3.73 -16.54
N ASN A 190 -9.37 3.10 -15.48
CA ASN A 190 -10.20 2.76 -14.32
C ASN A 190 -10.48 3.98 -13.47
N LEU A 191 -9.61 4.99 -13.60
CA LEU A 191 -9.78 6.24 -12.88
C LEU A 191 -10.87 7.08 -13.54
N LYS A 192 -10.90 7.05 -14.87
CA LYS A 192 -11.91 7.75 -15.64
C LYS A 192 -13.28 7.62 -15.00
N ARG A 193 -13.54 6.47 -14.39
CA ARG A 193 -14.77 6.24 -13.66
C ARG A 193 -14.85 7.14 -12.42
#